data_9HDU
#
_entry.id   9HDU
#
_cell.length_a   77.360
_cell.length_b   116.690
_cell.length_c   61.870
_cell.angle_alpha   90.00
_cell.angle_beta   90.00
_cell.angle_gamma   90.00
#
_symmetry.space_group_name_H-M   'C 2 2 21'
#
loop_
_entity.id
_entity.type
_entity.pdbx_description
1 polymer "Uridine 5'-monophosphate synthase"
2 non-polymer "XANTHOSINE-5'-MONOPHOSPHATE"
3 non-polymer PROLINE
4 water water
#
_entity_poly.entity_id   1
_entity_poly.type   'polypeptide(L)'
_entity_poly.pdbx_seq_one_letter_code
;MELSFGARAELPRIHPVASKLLRLMQKKETNLCLSADVSLARELLQLADALGPSICMLKTHVDILNDFTLDVMKELITLA
K(CSS)HEFLIFEDRKFADIGNTVKKQYEGGIFKIASWADLVNAHVVPGSGVVKGLQEVGLPLHRGCLLIAEMSSTGSLA
TGDYTRAAVRMAEEHSEFVVGFISGSRVSMKPEFLHLTPGVQLEAGGDNLGQQYNSPQEVIGKRGSDIIIVGRGIISAAD
RLEAAEMYRKAAWEAYLSRLGV
;
_entity_poly.pdbx_strand_id   A
#
# COMPACT_ATOMS: atom_id res chain seq x y z
N MET A 1 -15.16 16.53 11.17
CA MET A 1 -15.05 16.81 9.73
C MET A 1 -14.24 15.76 9.00
N GLU A 2 -14.35 14.52 9.48
CA GLU A 2 -13.83 13.36 8.76
C GLU A 2 -14.65 13.17 7.49
N LEU A 3 -13.98 13.03 6.36
CA LEU A 3 -14.60 12.84 5.07
C LEU A 3 -14.57 11.37 4.68
N SER A 4 -15.57 10.96 3.92
CA SER A 4 -15.57 9.66 3.31
C SER A 4 -14.40 9.50 2.34
N PHE A 5 -14.11 8.26 1.99
CA PHE A 5 -13.10 8.02 0.96
C PHE A 5 -13.46 8.72 -0.35
N GLY A 6 -14.73 8.67 -0.74
CA GLY A 6 -15.14 9.31 -1.99
C GLY A 6 -14.95 10.81 -1.98
N ALA A 7 -15.22 11.45 -0.84
CA ALA A 7 -14.97 12.89 -0.73
C ALA A 7 -13.49 13.20 -0.66
N ARG A 8 -12.70 12.35 0.01
CA ARG A 8 -11.25 12.57 0.02
C ARG A 8 -10.68 12.50 -1.37
N ALA A 9 -11.24 11.66 -2.23
CA ALA A 9 -10.79 11.55 -3.61
C ALA A 9 -10.90 12.85 -4.38
N GLU A 10 -11.72 13.80 -3.90
N GLU A 10 -11.73 13.78 -3.90
CA GLU A 10 -11.95 15.06 -4.58
CA GLU A 10 -11.98 15.06 -4.56
C GLU A 10 -11.18 16.21 -3.95
C GLU A 10 -11.21 16.21 -3.94
N LEU A 11 -10.40 15.96 -2.91
CA LEU A 11 -9.75 17.06 -2.22
C LEU A 11 -8.84 17.83 -3.17
N PRO A 12 -8.72 19.15 -2.99
CA PRO A 12 -7.91 19.95 -3.90
C PRO A 12 -6.49 19.47 -4.09
N ARG A 13 -5.84 19.05 -3.02
N ARG A 13 -5.84 19.05 -3.02
CA ARG A 13 -4.43 18.68 -3.07
CA ARG A 13 -4.43 18.68 -3.06
C ARG A 13 -4.22 17.19 -3.30
C ARG A 13 -4.25 17.17 -3.21
N ILE A 14 -5.29 16.43 -3.57
CA ILE A 14 -5.14 14.99 -3.72
C ILE A 14 -4.23 14.67 -4.89
N HIS A 15 -3.43 13.63 -4.72
CA HIS A 15 -2.63 13.11 -5.81
C HIS A 15 -3.52 12.24 -6.70
N PRO A 16 -3.31 12.27 -8.02
N PRO A 16 -3.31 12.27 -8.02
CA PRO A 16 -4.17 11.48 -8.91
CA PRO A 16 -4.19 11.48 -8.89
C PRO A 16 -4.22 10.00 -8.59
C PRO A 16 -4.24 10.00 -8.55
N VAL A 17 -3.11 9.41 -8.13
CA VAL A 17 -3.12 7.99 -7.82
C VAL A 17 -3.95 7.74 -6.58
N ALA A 18 -3.80 8.61 -5.57
CA ALA A 18 -4.62 8.51 -4.38
C ALA A 18 -6.09 8.69 -4.71
N SER A 19 -6.41 9.63 -5.60
N SER A 19 -6.43 9.61 -5.61
CA SER A 19 -7.80 9.85 -5.97
CA SER A 19 -7.84 9.83 -5.92
C SER A 19 -8.40 8.62 -6.60
C SER A 19 -8.43 8.61 -6.63
N LYS A 20 -7.67 8.01 -7.54
CA LYS A 20 -8.13 6.80 -8.21
C LYS A 20 -8.39 5.70 -7.19
N LEU A 21 -7.46 5.54 -6.26
CA LEU A 21 -7.60 4.54 -5.21
C LEU A 21 -8.82 4.80 -4.34
N LEU A 22 -8.95 6.03 -3.84
CA LEU A 22 -10.07 6.35 -2.96
C LEU A 22 -11.41 6.16 -3.65
N ARG A 23 -11.49 6.53 -4.93
N ARG A 23 -11.48 6.51 -4.94
CA ARG A 23 -12.74 6.34 -5.66
CA ARG A 23 -12.75 6.35 -5.66
C ARG A 23 -13.10 4.87 -5.74
C ARG A 23 -13.11 4.88 -5.81
N LEU A 24 -12.13 4.01 -6.08
CA LEU A 24 -12.46 2.57 -6.21
C LEU A 24 -12.72 1.94 -4.85
N MET A 25 -12.09 2.44 -3.79
CA MET A 25 -12.43 1.96 -2.45
C MET A 25 -13.89 2.22 -2.14
N GLN A 26 -14.33 3.44 -2.41
CA GLN A 26 -15.72 3.82 -2.16
C GLN A 26 -16.66 3.01 -3.05
N LYS A 27 -16.33 2.87 -4.33
CA LYS A 27 -17.22 2.17 -5.26
C LYS A 27 -17.40 0.71 -4.86
N LYS A 28 -16.30 0.06 -4.49
CA LYS A 28 -16.29 -1.37 -4.23
C LYS A 28 -16.50 -1.73 -2.77
N GLU A 29 -16.59 -0.74 -1.90
N GLU A 29 -16.54 -0.73 -1.89
CA GLU A 29 -16.67 -0.95 -0.46
CA GLU A 29 -16.68 -0.96 -0.45
C GLU A 29 -15.55 -1.88 -0.01
C GLU A 29 -15.54 -1.81 0.08
N THR A 30 -14.32 -1.50 -0.35
CA THR A 30 -13.16 -2.20 0.15
C THR A 30 -12.02 -1.27 0.47
N ASN A 31 -11.44 -1.52 1.63
CA ASN A 31 -10.23 -0.89 2.11
C ASN A 31 -9.23 -1.97 2.52
N LEU A 32 -9.24 -3.08 1.77
CA LEU A 32 -8.34 -4.20 1.97
C LEU A 32 -7.28 -4.22 0.87
N CYS A 33 -6.03 -4.29 1.28
CA CYS A 33 -4.89 -4.56 0.40
C CYS A 33 -4.40 -5.99 0.64
N LEU A 34 -4.48 -6.82 -0.38
CA LEU A 34 -3.96 -8.18 -0.28
C LEU A 34 -2.44 -8.13 -0.39
N SER A 35 -1.75 -8.74 0.55
CA SER A 35 -0.31 -8.94 0.47
C SER A 35 -0.06 -10.31 -0.15
N ALA A 36 0.18 -10.31 -1.46
CA ALA A 36 0.21 -11.53 -2.25
C ALA A 36 1.58 -12.17 -2.16
N ASP A 37 1.90 -12.69 -0.97
CA ASP A 37 3.25 -13.15 -0.64
C ASP A 37 3.40 -14.60 -1.03
N VAL A 38 3.54 -14.82 -2.33
CA VAL A 38 3.63 -16.12 -2.94
C VAL A 38 4.84 -16.13 -3.86
N SER A 39 5.31 -17.33 -4.15
N SER A 39 5.31 -17.35 -4.15
CA SER A 39 6.49 -17.48 -4.98
CA SER A 39 6.51 -17.54 -4.96
C SER A 39 6.20 -17.87 -6.42
C SER A 39 6.23 -18.01 -6.38
N LEU A 40 4.97 -18.25 -6.74
CA LEU A 40 4.59 -18.72 -8.07
C LEU A 40 3.69 -17.71 -8.77
N ALA A 41 4.06 -17.37 -10.00
CA ALA A 41 3.24 -16.49 -10.81
C ALA A 41 1.81 -16.98 -10.96
N ARG A 42 1.62 -18.29 -11.15
CA ARG A 42 0.25 -18.76 -11.34
C ARG A 42 -0.58 -18.50 -10.11
N GLU A 43 0.00 -18.73 -8.91
CA GLU A 43 -0.77 -18.47 -7.69
C GLU A 43 -1.04 -16.99 -7.54
N LEU A 44 -0.05 -16.14 -7.83
CA LEU A 44 -0.25 -14.70 -7.80
C LEU A 44 -1.42 -14.29 -8.66
N LEU A 45 -1.43 -14.77 -9.90
N LEU A 45 -1.43 -14.77 -9.92
CA LEU A 45 -2.47 -14.37 -10.84
CA LEU A 45 -2.48 -14.36 -10.85
C LEU A 45 -3.82 -14.95 -10.47
C LEU A 45 -3.83 -14.94 -10.45
N GLN A 46 -3.86 -16.20 -10.00
CA GLN A 46 -5.13 -16.78 -9.60
C GLN A 46 -5.69 -16.06 -8.38
N LEU A 47 -4.85 -15.66 -7.44
CA LEU A 47 -5.33 -14.87 -6.32
C LEU A 47 -5.81 -13.51 -6.78
N ALA A 48 -5.06 -12.84 -7.66
CA ALA A 48 -5.47 -11.52 -8.13
C ALA A 48 -6.81 -11.58 -8.82
N ASP A 49 -7.05 -12.62 -9.61
CA ASP A 49 -8.32 -12.73 -10.33
C ASP A 49 -9.46 -12.98 -9.37
N ALA A 50 -9.31 -13.97 -8.48
CA ALA A 50 -10.42 -14.35 -7.61
C ALA A 50 -10.70 -13.31 -6.54
N LEU A 51 -9.65 -12.69 -6.02
CA LEU A 51 -9.79 -11.75 -4.93
C LEU A 51 -9.90 -10.30 -5.42
N GLY A 52 -9.67 -10.05 -6.70
CA GLY A 52 -9.69 -8.72 -7.23
C GLY A 52 -10.93 -7.92 -6.85
N PRO A 53 -12.13 -8.50 -6.95
CA PRO A 53 -13.33 -7.74 -6.58
C PRO A 53 -13.38 -7.33 -5.14
N SER A 54 -12.64 -8.01 -4.25
CA SER A 54 -12.69 -7.78 -2.82
C SER A 54 -11.63 -6.81 -2.33
N ILE A 55 -10.70 -6.37 -3.18
CA ILE A 55 -9.53 -5.62 -2.72
C ILE A 55 -9.47 -4.27 -3.41
N CYS A 56 -8.85 -3.31 -2.73
CA CYS A 56 -8.54 -2.04 -3.36
C CYS A 56 -7.15 -2.01 -3.93
N MET A 57 -6.32 -2.98 -3.57
N MET A 57 -6.32 -2.97 -3.55
CA MET A 57 -4.89 -2.96 -3.86
CA MET A 57 -4.90 -2.94 -3.86
C MET A 57 -4.36 -4.35 -3.70
C MET A 57 -4.33 -4.33 -3.66
N LEU A 58 -3.36 -4.67 -4.50
CA LEU A 58 -2.60 -5.90 -4.40
C LEU A 58 -1.15 -5.48 -4.23
N LYS A 59 -0.56 -5.92 -3.11
CA LYS A 59 0.81 -5.62 -2.77
C LYS A 59 1.68 -6.82 -3.15
N THR A 60 2.72 -6.55 -3.91
CA THR A 60 3.64 -7.56 -4.40
C THR A 60 5.00 -7.47 -3.71
N HIS A 61 5.69 -8.59 -3.70
CA HIS A 61 7.15 -8.65 -3.52
C HIS A 61 7.69 -9.38 -4.75
N VAL A 62 7.92 -8.66 -5.85
N VAL A 62 7.97 -8.57 -5.78
CA VAL A 62 8.27 -9.47 -7.02
CA VAL A 62 8.36 -9.11 -7.07
C VAL A 62 9.63 -10.14 -6.87
C VAL A 62 9.62 -9.94 -6.96
N ASP A 63 10.49 -9.64 -5.99
CA ASP A 63 11.77 -10.29 -5.79
C ASP A 63 11.68 -11.63 -5.08
N ILE A 64 10.48 -12.09 -4.71
N ILE A 64 10.47 -12.08 -4.74
CA ILE A 64 10.31 -13.45 -4.24
CA ILE A 64 10.25 -13.42 -4.22
C ILE A 64 9.58 -14.33 -5.24
C ILE A 64 9.70 -14.37 -5.29
N LEU A 65 9.17 -13.79 -6.38
N LEU A 65 9.27 -13.85 -6.43
CA LEU A 65 8.62 -14.66 -7.40
CA LEU A 65 8.55 -14.61 -7.44
C LEU A 65 9.74 -15.48 -8.02
C LEU A 65 9.56 -15.44 -8.24
N ASN A 66 9.54 -16.77 -8.06
CA ASN A 66 10.57 -17.61 -8.65
C ASN A 66 10.56 -17.54 -10.16
N ASP A 67 9.40 -17.25 -10.76
CA ASP A 67 9.18 -17.26 -12.20
C ASP A 67 8.70 -15.89 -12.66
N PHE A 68 9.22 -14.82 -12.06
CA PHE A 68 8.99 -13.47 -12.55
C PHE A 68 9.36 -13.35 -14.02
N THR A 69 8.47 -12.72 -14.80
CA THR A 69 8.82 -12.11 -16.08
C THR A 69 7.98 -10.85 -16.19
N LEU A 70 8.37 -9.95 -17.10
CA LEU A 70 7.54 -8.79 -17.33
C LEU A 70 6.17 -9.16 -17.88
N ASP A 71 6.05 -10.30 -18.58
N ASP A 71 6.07 -10.28 -18.60
CA ASP A 71 4.74 -10.71 -19.06
CA ASP A 71 4.75 -10.72 -19.05
C ASP A 71 3.82 -11.13 -17.92
C ASP A 71 3.83 -11.02 -17.88
N VAL A 72 4.36 -11.63 -16.80
CA VAL A 72 3.51 -11.86 -15.63
C VAL A 72 2.90 -10.54 -15.17
N MET A 73 3.70 -9.48 -15.17
N MET A 73 3.72 -9.49 -15.14
CA MET A 73 3.21 -8.20 -14.68
CA MET A 73 3.24 -8.18 -14.71
C MET A 73 2.21 -7.59 -15.66
C MET A 73 2.15 -7.67 -15.65
N LYS A 74 2.35 -7.86 -16.96
CA LYS A 74 1.31 -7.46 -17.90
C LYS A 74 0.00 -8.15 -17.58
N GLU A 75 0.05 -9.46 -17.28
CA GLU A 75 -1.17 -10.17 -16.92
C GLU A 75 -1.76 -9.65 -15.62
N LEU A 76 -0.92 -9.28 -14.67
CA LEU A 76 -1.39 -8.70 -13.43
C LEU A 76 -2.09 -7.37 -13.67
N ILE A 77 -1.52 -6.54 -14.53
CA ILE A 77 -2.16 -5.28 -14.89
C ILE A 77 -3.53 -5.50 -15.51
N THR A 78 -3.65 -6.49 -16.40
N THR A 78 -3.67 -6.50 -16.38
CA THR A 78 -4.96 -6.78 -16.98
CA THR A 78 -4.97 -6.75 -16.99
C THR A 78 -5.98 -7.04 -15.89
C THR A 78 -6.01 -7.09 -15.92
N LEU A 79 -5.60 -7.83 -14.88
CA LEU A 79 -6.50 -8.13 -13.78
C LEU A 79 -6.80 -6.92 -12.92
N ALA A 80 -5.78 -6.08 -12.67
CA ALA A 80 -5.96 -4.86 -11.90
C ALA A 80 -6.93 -3.92 -12.60
N LYS A 81 -6.83 -3.81 -13.93
CA LYS A 81 -7.75 -2.97 -14.67
C LYS A 81 -9.15 -3.55 -14.69
N HIS A 83 -10.64 -5.71 -12.52
CA HIS A 83 -11.27 -5.77 -11.21
C HIS A 83 -11.21 -4.46 -10.45
N GLU A 84 -10.38 -3.52 -10.94
CA GLU A 84 -10.19 -2.20 -10.36
C GLU A 84 -9.51 -2.26 -9.01
N PHE A 85 -8.19 -2.46 -9.05
CA PHE A 85 -7.35 -2.35 -7.88
C PHE A 85 -6.00 -1.79 -8.34
N LEU A 86 -5.28 -1.19 -7.41
N LEU A 86 -5.29 -1.18 -7.41
CA LEU A 86 -3.94 -0.72 -7.70
CA LEU A 86 -3.93 -0.73 -7.67
C LEU A 86 -2.90 -1.77 -7.35
C LEU A 86 -2.93 -1.86 -7.44
N ILE A 87 -1.76 -1.71 -8.05
CA ILE A 87 -0.61 -2.58 -7.79
C ILE A 87 0.42 -1.80 -7.02
N PHE A 88 0.81 -2.33 -5.85
CA PHE A 88 1.78 -1.73 -4.95
C PHE A 88 2.95 -2.68 -4.82
N GLU A 89 4.12 -2.33 -5.37
CA GLU A 89 5.32 -3.13 -5.18
C GLU A 89 6.00 -2.69 -3.90
N ASP A 90 6.06 -3.61 -2.96
CA ASP A 90 6.58 -3.35 -1.62
C ASP A 90 8.09 -3.56 -1.59
N ARG A 91 8.78 -2.68 -2.31
CA ARG A 91 10.20 -2.75 -2.54
C ARG A 91 11.00 -2.12 -1.41
N LYS A 92 10.41 -1.24 -0.63
CA LYS A 92 11.09 -0.60 0.49
C LYS A 92 12.43 0.00 0.03
N PHE A 93 12.37 0.85 -0.99
CA PHE A 93 13.56 1.57 -1.40
C PHE A 93 14.17 2.28 -0.20
N ALA A 94 15.51 2.23 -0.10
CA ALA A 94 16.14 2.62 1.15
C ALA A 94 17.61 2.98 0.95
N ASP A 95 17.92 3.47 -0.24
CA ASP A 95 19.27 3.81 -0.66
C ASP A 95 19.33 5.31 -0.95
N ILE A 96 20.52 5.76 -1.33
CA ILE A 96 20.68 7.13 -1.76
C ILE A 96 19.88 7.35 -3.03
N GLY A 97 19.54 8.61 -3.28
CA GLY A 97 18.72 8.94 -4.43
C GLY A 97 19.26 8.43 -5.75
N ASN A 98 20.57 8.56 -5.98
CA ASN A 98 21.11 8.17 -7.26
C ASN A 98 20.93 6.69 -7.52
N THR A 99 20.98 5.87 -6.48
CA THR A 99 20.82 4.43 -6.63
C THR A 99 19.35 4.05 -6.80
N VAL A 100 18.46 4.61 -5.98
CA VAL A 100 17.08 4.16 -6.02
C VAL A 100 16.44 4.48 -7.37
N LYS A 101 16.87 5.55 -8.05
N LYS A 101 16.85 5.58 -8.01
CA LYS A 101 16.23 5.86 -9.33
CA LYS A 101 16.33 5.91 -9.33
C LYS A 101 16.48 4.74 -10.35
C LYS A 101 16.47 4.71 -10.27
N LYS A 102 17.66 4.11 -10.27
CA LYS A 102 17.95 3.01 -11.16
C LYS A 102 17.25 1.73 -10.72
N GLN A 103 17.15 1.51 -9.40
CA GLN A 103 16.45 0.33 -8.90
C GLN A 103 14.95 0.39 -9.21
N TYR A 104 14.41 1.59 -9.34
CA TYR A 104 12.99 1.79 -9.61
C TYR A 104 12.68 1.64 -11.10
N GLU A 105 13.51 2.22 -11.96
CA GLU A 105 13.24 2.22 -13.40
C GLU A 105 13.74 0.98 -14.09
N GLY A 106 14.89 0.46 -13.65
CA GLY A 106 15.67 -0.43 -14.46
C GLY A 106 15.78 -1.85 -13.95
N GLY A 107 16.92 -2.46 -14.25
CA GLY A 107 17.14 -3.84 -13.93
C GLY A 107 16.15 -4.77 -14.61
N ILE A 108 16.08 -5.98 -14.08
N ILE A 108 16.06 -5.98 -14.09
CA ILE A 108 15.15 -6.99 -14.62
CA ILE A 108 15.14 -6.93 -14.71
C ILE A 108 13.71 -6.57 -14.37
C ILE A 108 13.70 -6.69 -14.31
N PHE A 109 13.43 -6.02 -13.18
CA PHE A 109 12.04 -5.89 -12.76
C PHE A 109 11.31 -4.72 -13.40
N LYS A 110 12.02 -3.65 -13.78
CA LYS A 110 11.39 -2.45 -14.32
C LYS A 110 10.15 -2.06 -13.51
N ILE A 111 10.34 -1.90 -12.20
CA ILE A 111 9.21 -1.72 -11.30
C ILE A 111 8.30 -0.57 -11.71
N ALA A 112 8.89 0.57 -12.07
CA ALA A 112 8.07 1.74 -12.40
C ALA A 112 7.15 1.51 -13.57
N SER A 113 7.48 0.57 -14.44
N SER A 113 7.48 0.55 -14.44
CA SER A 113 6.64 0.34 -15.60
CA SER A 113 6.67 0.29 -15.62
C SER A 113 5.29 -0.26 -15.26
C SER A 113 5.35 -0.40 -15.32
N TRP A 114 5.18 -0.98 -14.14
CA TRP A 114 3.95 -1.69 -13.80
C TRP A 114 3.39 -1.36 -12.42
N ALA A 115 4.15 -0.80 -11.50
CA ALA A 115 3.65 -0.54 -10.16
C ALA A 115 3.03 0.84 -10.07
N ASP A 116 1.75 0.92 -9.69
CA ASP A 116 1.12 2.20 -9.42
C ASP A 116 1.78 2.88 -8.23
N LEU A 117 2.07 2.10 -7.20
CA LEU A 117 2.64 2.56 -5.96
C LEU A 117 3.88 1.76 -5.64
N VAL A 118 4.85 2.44 -5.03
CA VAL A 118 5.97 1.83 -4.34
C VAL A 118 6.08 2.47 -2.98
N ASN A 119 6.99 1.95 -2.15
CA ASN A 119 7.26 2.54 -0.87
C ASN A 119 8.75 2.72 -0.65
N ALA A 120 9.06 3.53 0.36
CA ALA A 120 10.43 3.86 0.68
C ALA A 120 10.56 4.05 2.18
N HIS A 121 11.71 3.62 2.69
CA HIS A 121 12.14 4.02 4.01
C HIS A 121 12.71 5.42 3.97
N VAL A 122 12.54 6.14 5.08
CA VAL A 122 12.96 7.52 5.15
C VAL A 122 14.35 7.70 5.75
N VAL A 123 14.96 6.63 6.24
CA VAL A 123 16.26 6.69 6.89
C VAL A 123 17.35 7.37 6.06
N PRO A 124 17.39 7.28 4.72
CA PRO A 124 18.47 7.99 4.00
C PRO A 124 18.32 9.50 3.96
N GLY A 125 17.20 10.04 4.41
CA GLY A 125 16.89 11.43 4.15
C GLY A 125 16.13 11.58 2.85
N SER A 126 15.72 12.82 2.56
CA SER A 126 14.75 13.04 1.48
C SER A 126 15.31 12.77 0.10
N GLY A 127 16.62 12.59 -0.06
CA GLY A 127 17.13 12.19 -1.35
C GLY A 127 16.53 10.88 -1.86
N VAL A 128 16.11 9.99 -0.96
CA VAL A 128 15.48 8.77 -1.43
C VAL A 128 14.22 9.09 -2.22
N VAL A 129 13.44 10.05 -1.72
N VAL A 129 13.44 10.06 -1.73
CA VAL A 129 12.22 10.45 -2.41
CA VAL A 129 12.20 10.41 -2.43
C VAL A 129 12.54 11.21 -3.68
C VAL A 129 12.48 11.27 -3.66
N LYS A 130 13.52 12.11 -3.62
CA LYS A 130 13.87 12.88 -4.80
C LYS A 130 14.35 11.98 -5.91
N GLY A 131 15.13 10.96 -5.58
CA GLY A 131 15.57 10.04 -6.61
C GLY A 131 14.43 9.26 -7.22
N LEU A 132 13.55 8.72 -6.37
CA LEU A 132 12.40 8.00 -6.92
C LEU A 132 11.52 8.91 -7.77
N GLN A 133 11.26 10.13 -7.31
N GLN A 133 11.36 10.17 -7.36
CA GLN A 133 10.29 10.97 -8.00
CA GLN A 133 10.52 11.11 -8.09
C GLN A 133 10.79 11.39 -9.38
C GLN A 133 11.04 11.36 -9.50
N GLU A 134 12.10 11.37 -9.62
N GLU A 134 12.36 11.32 -9.70
CA GLU A 134 12.62 11.65 -10.94
CA GLU A 134 12.91 11.55 -11.01
C GLU A 134 12.11 10.67 -11.97
C GLU A 134 12.38 10.56 -12.04
N VAL A 135 11.95 9.40 -11.58
CA VAL A 135 11.35 8.37 -12.43
C VAL A 135 9.84 8.38 -12.30
N GLY A 136 9.33 8.48 -11.08
CA GLY A 136 7.93 8.25 -10.83
C GLY A 136 7.03 9.40 -11.23
N LEU A 137 7.47 10.65 -11.07
N LEU A 137 7.50 10.63 -11.15
CA LEU A 137 6.64 11.77 -11.50
CA LEU A 137 6.62 11.74 -11.50
C LEU A 137 6.34 11.69 -12.99
C LEU A 137 6.33 11.76 -13.00
N PRO A 138 7.32 11.56 -13.88
CA PRO A 138 6.99 11.47 -15.31
C PRO A 138 6.08 10.30 -15.63
N LEU A 139 6.15 9.22 -14.86
CA LEU A 139 5.32 8.05 -15.06
C LEU A 139 4.02 8.10 -14.28
N HIS A 140 3.70 9.25 -13.66
N HIS A 140 3.76 9.22 -13.61
CA HIS A 140 2.42 9.43 -12.98
CA HIS A 140 2.46 9.43 -13.03
C HIS A 140 2.20 8.43 -11.85
C HIS A 140 2.22 8.46 -11.88
N ARG A 141 3.28 8.07 -11.17
CA ARG A 141 3.22 7.10 -10.09
C ARG A 141 3.12 7.79 -8.73
N GLY A 142 2.88 6.99 -7.69
CA GLY A 142 2.90 7.48 -6.34
C GLY A 142 3.80 6.65 -5.44
N CYS A 143 4.10 7.23 -4.28
CA CYS A 143 4.98 6.59 -3.31
C CYS A 143 4.38 6.70 -1.92
N LEU A 144 4.64 5.67 -1.11
CA LEU A 144 4.26 5.62 0.29
C LEU A 144 5.52 5.63 1.14
N LEU A 145 5.56 6.42 2.19
CA LEU A 145 6.69 6.45 3.09
C LEU A 145 6.43 5.62 4.33
N ILE A 146 7.44 4.86 4.75
CA ILE A 146 7.31 3.98 5.91
C ILE A 146 7.57 4.80 7.16
N ALA A 147 6.48 5.14 7.85
CA ALA A 147 6.54 5.98 9.02
C ALA A 147 6.62 5.19 10.32
N GLU A 148 6.10 3.97 10.33
CA GLU A 148 6.12 3.07 11.47
C GLU A 148 6.24 1.67 10.89
N MET A 149 6.72 0.72 11.70
N MET A 149 6.75 0.75 11.71
CA MET A 149 6.74 -0.68 11.33
CA MET A 149 6.81 -0.67 11.39
C MET A 149 6.07 -1.52 12.41
C MET A 149 6.02 -1.44 12.44
N SER A 150 5.55 -2.67 12.00
N SER A 150 5.55 -2.62 12.05
CA SER A 150 4.76 -3.53 12.85
CA SER A 150 4.74 -3.46 12.92
C SER A 150 5.58 -4.47 13.69
C SER A 150 5.55 -4.54 13.63
N SER A 151 6.86 -4.59 13.40
CA SER A 151 7.71 -5.64 13.93
C SER A 151 8.33 -5.24 15.26
N THR A 152 8.66 -6.26 16.04
CA THR A 152 9.22 -6.05 17.36
C THR A 152 10.59 -5.41 17.27
N GLY A 153 10.78 -4.33 18.01
CA GLY A 153 12.02 -3.62 17.99
C GLY A 153 12.11 -2.53 16.95
N SER A 154 11.03 -2.27 16.23
CA SER A 154 11.04 -1.21 15.23
C SER A 154 11.62 0.07 15.80
N LEU A 155 12.47 0.72 15.00
CA LEU A 155 13.05 2.01 15.32
C LEU A 155 12.30 3.16 14.66
N ALA A 156 11.21 2.86 13.96
CA ALA A 156 10.43 3.89 13.27
C ALA A 156 9.39 4.44 14.23
N THR A 157 9.90 5.21 15.21
CA THR A 157 9.10 5.75 16.28
C THR A 157 9.52 7.18 16.53
N GLY A 158 8.70 7.91 17.28
CA GLY A 158 9.12 9.21 17.78
C GLY A 158 9.52 10.16 16.67
N ASP A 159 10.71 10.74 16.81
CA ASP A 159 11.16 11.73 15.84
C ASP A 159 11.35 11.13 14.46
N TYR A 160 11.60 9.82 14.37
CA TYR A 160 11.72 9.19 13.06
C TYR A 160 10.40 9.24 12.31
N THR A 161 9.32 8.88 13.01
CA THR A 161 7.99 8.97 12.42
C THR A 161 7.65 10.41 12.02
N ARG A 162 7.97 11.37 12.89
CA ARG A 162 7.72 12.77 12.56
C ARG A 162 8.48 13.19 11.31
N ALA A 163 9.74 12.72 11.17
CA ALA A 163 10.51 13.04 9.98
C ALA A 163 9.87 12.46 8.74
N ALA A 164 9.29 11.26 8.84
CA ALA A 164 8.60 10.68 7.68
C ALA A 164 7.41 11.53 7.27
N VAL A 165 6.64 12.02 8.25
CA VAL A 165 5.49 12.83 7.93
C VAL A 165 5.91 14.13 7.26
N ARG A 166 6.96 14.76 7.79
CA ARG A 166 7.43 16.00 7.17
C ARG A 166 7.91 15.75 5.76
N MET A 167 8.64 14.66 5.55
N MET A 167 8.66 14.68 5.55
CA MET A 167 9.14 14.35 4.22
CA MET A 167 9.12 14.39 4.20
C MET A 167 8.01 14.13 3.22
C MET A 167 7.94 14.23 3.24
N ALA A 168 6.93 13.48 3.66
CA ALA A 168 5.77 13.29 2.81
C ALA A 168 5.12 14.62 2.46
N GLU A 169 4.95 15.46 3.47
N GLU A 169 4.90 15.47 3.49
CA GLU A 169 4.21 16.69 3.26
CA GLU A 169 4.29 16.78 3.27
C GLU A 169 5.01 17.71 2.44
C GLU A 169 5.04 17.53 2.19
N GLU A 170 6.34 17.53 2.31
CA GLU A 170 7.20 18.34 1.45
C GLU A 170 7.41 17.74 0.08
N HIS A 171 6.90 16.54 -0.17
CA HIS A 171 7.00 15.88 -1.46
C HIS A 171 5.64 15.37 -1.91
N SER A 172 4.61 16.17 -1.69
CA SER A 172 3.24 15.74 -1.92
C SER A 172 2.88 15.61 -3.40
N GLU A 173 3.75 16.06 -4.32
N GLU A 173 3.74 16.06 -4.32
CA GLU A 173 3.51 15.79 -5.72
CA GLU A 173 3.50 15.79 -5.72
C GLU A 173 3.69 14.31 -6.04
C GLU A 173 3.76 14.34 -6.09
N PHE A 174 4.41 13.59 -5.20
CA PHE A 174 4.73 12.18 -5.45
C PHE A 174 4.33 11.28 -4.31
N VAL A 175 4.47 11.72 -3.07
CA VAL A 175 4.16 10.91 -1.90
C VAL A 175 2.68 11.04 -1.62
N VAL A 176 1.98 9.90 -1.57
CA VAL A 176 0.55 9.86 -1.40
C VAL A 176 0.12 9.36 -0.05
N GLY A 177 1.05 8.95 0.80
CA GLY A 177 0.67 8.47 2.10
C GLY A 177 1.79 7.68 2.74
N PHE A 178 1.38 6.85 3.69
CA PHE A 178 2.25 6.20 4.63
C PHE A 178 1.93 4.73 4.76
N ILE A 179 2.98 3.97 5.08
CA ILE A 179 2.82 2.70 5.79
C ILE A 179 3.01 3.03 7.26
N SER A 180 2.02 2.70 8.07
CA SER A 180 2.07 3.07 9.47
C SER A 180 1.12 2.15 10.24
N GLY A 181 1.22 2.19 11.57
CA GLY A 181 0.29 1.42 12.37
C GLY A 181 -0.94 2.17 12.78
N SER A 182 -0.97 3.46 12.51
N SER A 182 -0.91 3.50 12.62
CA SER A 182 -2.04 4.35 12.92
CA SER A 182 -1.96 4.41 13.05
C SER A 182 -1.99 5.56 12.01
C SER A 182 -1.91 5.64 12.14
N ARG A 183 -2.97 6.44 12.19
CA ARG A 183 -2.92 7.73 11.54
C ARG A 183 -1.71 8.50 12.09
N VAL A 184 -0.86 8.99 11.20
CA VAL A 184 0.30 9.78 11.58
C VAL A 184 0.25 11.20 11.04
N SER A 185 -0.54 11.45 10.01
CA SER A 185 -0.73 12.79 9.48
C SER A 185 -2.18 13.17 9.67
N MET A 186 -2.42 14.45 10.00
CA MET A 186 -3.76 14.99 10.07
C MET A 186 -4.27 15.48 8.73
N LYS A 187 -3.48 15.39 7.69
CA LYS A 187 -3.90 15.91 6.39
C LYS A 187 -4.67 14.82 5.65
N PRO A 188 -5.93 15.02 5.28
CA PRO A 188 -6.76 13.92 4.76
C PRO A 188 -6.39 13.51 3.36
N GLU A 189 -5.51 14.25 2.69
N GLU A 189 -5.54 14.26 2.66
CA GLU A 189 -5.05 13.86 1.37
CA GLU A 189 -5.12 13.87 1.33
C GLU A 189 -4.13 12.65 1.41
C GLU A 189 -4.05 12.79 1.34
N PHE A 190 -3.60 12.30 2.59
N PHE A 190 -3.56 12.40 2.52
CA PHE A 190 -2.63 11.22 2.69
CA PHE A 190 -2.62 11.30 2.66
C PHE A 190 -3.28 9.93 3.12
C PHE A 190 -3.39 10.03 3.01
N LEU A 191 -2.94 8.87 2.43
N LEU A 191 -2.99 8.92 2.41
CA LEU A 191 -3.41 7.53 2.75
CA LEU A 191 -3.48 7.60 2.81
C LEU A 191 -2.59 6.92 3.87
C LEU A 191 -2.63 7.07 3.95
N HIS A 192 -3.24 6.18 4.75
CA HIS A 192 -2.57 5.40 5.78
C HIS A 192 -2.86 3.92 5.53
N LEU A 193 -1.81 3.14 5.28
CA LEU A 193 -1.92 1.71 5.07
C LEU A 193 -1.22 0.99 6.20
N THR A 194 -1.88 -0.02 6.76
CA THR A 194 -1.38 -0.67 7.96
C THR A 194 -1.24 -2.17 7.78
N PRO A 195 0.00 -2.66 7.82
CA PRO A 195 0.27 -4.11 7.84
C PRO A 195 0.34 -4.59 9.27
N GLY A 196 0.62 -5.86 9.45
CA GLY A 196 0.56 -6.47 10.77
C GLY A 196 -0.87 -6.65 11.26
N VAL A 197 -1.73 -7.18 10.39
CA VAL A 197 -3.15 -7.29 10.65
C VAL A 197 -3.62 -8.73 10.53
N GLN A 198 -4.33 -9.20 11.55
N GLN A 198 -4.38 -9.18 11.52
CA GLN A 198 -5.06 -10.46 11.49
CA GLN A 198 -5.01 -10.50 11.54
C GLN A 198 -6.31 -10.33 12.34
C GLN A 198 -6.24 -10.44 12.43
N LEU A 199 -7.28 -11.18 12.08
CA LEU A 199 -8.49 -11.18 12.89
C LEU A 199 -8.22 -11.67 14.31
N GLU A 200 -7.36 -12.67 14.47
CA GLU A 200 -6.98 -13.21 15.77
C GLU A 200 -5.67 -12.59 16.30
N ALA A 201 -5.51 -12.59 17.63
CA ALA A 201 -4.27 -12.06 18.23
C ALA A 201 -3.07 -12.97 17.95
N GLY A 202 -1.88 -12.37 17.94
CA GLY A 202 -0.66 -13.14 17.89
C GLY A 202 0.42 -12.43 17.08
N GLY A 203 1.28 -13.24 16.47
CA GLY A 203 2.41 -12.75 15.73
C GLY A 203 3.00 -13.90 14.95
N ASP A 204 4.25 -13.74 14.53
CA ASP A 204 5.02 -14.84 13.98
C ASP A 204 6.28 -15.02 14.81
N ASN A 205 7.14 -15.93 14.38
CA ASN A 205 8.35 -16.25 15.13
C ASN A 205 9.56 -15.43 14.69
N LEU A 206 9.33 -14.42 13.87
CA LEU A 206 10.37 -13.53 13.37
C LEU A 206 9.96 -12.09 13.55
N GLY A 207 9.30 -11.78 14.65
CA GLY A 207 9.06 -10.40 15.04
C GLY A 207 7.79 -9.75 14.54
N GLN A 208 6.99 -10.41 13.71
CA GLN A 208 5.72 -9.83 13.29
C GLN A 208 4.77 -9.81 14.49
N GLN A 209 4.01 -8.73 14.61
CA GLN A 209 3.00 -8.59 15.65
C GLN A 209 1.73 -8.17 14.96
N TYR A 210 0.59 -8.71 15.44
CA TYR A 210 -0.69 -8.49 14.79
C TYR A 210 -1.66 -7.67 15.65
N ASN A 211 -2.44 -6.85 14.95
CA ASN A 211 -3.60 -6.18 15.49
C ASN A 211 -4.78 -6.42 14.56
N SER A 212 -5.98 -6.23 15.08
CA SER A 212 -7.16 -6.53 14.30
C SER A 212 -7.55 -5.39 13.38
N PRO A 213 -8.35 -5.68 12.35
CA PRO A 213 -8.88 -4.59 11.52
C PRO A 213 -9.64 -3.55 12.33
N GLN A 214 -10.48 -3.99 13.26
CA GLN A 214 -11.22 -3.02 14.05
C GLN A 214 -10.28 -2.09 14.80
N GLU A 215 -9.22 -2.64 15.40
CA GLU A 215 -8.26 -1.81 16.13
C GLU A 215 -7.57 -0.80 15.21
N VAL A 216 -7.06 -1.25 14.06
N VAL A 216 -7.10 -1.29 14.07
CA VAL A 216 -6.21 -0.34 13.30
CA VAL A 216 -6.24 -0.53 13.18
C VAL A 216 -7.00 0.64 12.44
C VAL A 216 -7.03 0.59 12.52
N ILE A 217 -8.18 0.24 11.93
CA ILE A 217 -9.00 1.17 11.18
C ILE A 217 -9.84 2.00 12.11
N GLY A 218 -10.48 1.36 13.08
CA GLY A 218 -11.44 2.01 13.92
C GLY A 218 -10.85 2.84 15.03
N LYS A 219 -9.91 2.28 15.79
N LYS A 219 -9.95 2.27 15.84
CA LYS A 219 -9.36 2.99 16.95
CA LYS A 219 -9.34 3.03 16.93
C LYS A 219 -8.04 3.70 16.66
C LYS A 219 -8.14 3.85 16.46
N ARG A 220 -7.25 3.23 15.68
CA ARG A 220 -5.99 3.86 15.33
C ARG A 220 -6.11 4.78 14.12
N GLY A 221 -7.25 4.77 13.44
CA GLY A 221 -7.52 5.76 12.41
C GLY A 221 -6.87 5.52 11.06
N SER A 222 -6.39 4.32 10.79
N SER A 222 -6.37 4.33 10.79
CA SER A 222 -5.80 4.03 9.50
CA SER A 222 -5.78 4.06 9.48
C SER A 222 -6.88 3.83 8.43
C SER A 222 -6.89 4.01 8.41
N ASP A 223 -6.46 3.88 7.16
CA ASP A 223 -7.40 3.77 6.05
C ASP A 223 -7.55 2.38 5.49
N ILE A 224 -6.44 1.68 5.32
CA ILE A 224 -6.38 0.43 4.58
C ILE A 224 -5.62 -0.59 5.41
N ILE A 225 -6.11 -1.83 5.44
CA ILE A 225 -5.36 -2.93 6.05
C ILE A 225 -4.61 -3.69 4.98
N ILE A 226 -3.38 -4.07 5.29
CA ILE A 226 -2.55 -4.91 4.46
C ILE A 226 -2.50 -6.29 5.13
N VAL A 227 -2.96 -7.32 4.43
CA VAL A 227 -3.10 -8.65 5.02
C VAL A 227 -2.46 -9.67 4.11
N GLY A 228 -1.48 -10.43 4.65
CA GLY A 228 -0.83 -11.52 3.97
C GLY A 228 -1.36 -12.85 4.46
N ARG A 229 -0.64 -13.47 5.39
CA ARG A 229 -0.92 -14.83 5.84
C ARG A 229 -2.34 -15.04 6.36
N GLY A 230 -2.95 -14.02 6.96
CA GLY A 230 -4.32 -14.18 7.42
C GLY A 230 -5.27 -14.59 6.30
N ILE A 231 -4.95 -14.18 5.08
CA ILE A 231 -5.64 -14.62 3.88
C ILE A 231 -4.92 -15.77 3.20
N ILE A 232 -3.64 -15.58 2.91
N ILE A 232 -3.65 -15.60 2.86
CA ILE A 232 -2.90 -16.46 2.01
CA ILE A 232 -3.06 -16.55 1.94
C ILE A 232 -2.85 -17.89 2.55
C ILE A 232 -2.78 -17.92 2.54
N SER A 233 -2.70 -18.05 3.86
CA SER A 233 -2.57 -19.37 4.46
C SER A 233 -3.90 -20.04 4.72
N ALA A 234 -5.01 -19.32 4.59
CA ALA A 234 -6.33 -19.91 4.76
C ALA A 234 -6.62 -20.85 3.60
N ALA A 235 -7.51 -21.81 3.86
CA ALA A 235 -7.88 -22.71 2.78
C ALA A 235 -8.65 -21.97 1.70
N ASP A 236 -9.71 -21.28 2.09
CA ASP A 236 -10.52 -20.51 1.15
C ASP A 236 -10.10 -19.05 1.24
N ARG A 237 -9.22 -18.67 0.32
CA ARG A 237 -8.69 -17.31 0.36
C ARG A 237 -9.75 -16.28 -0.02
N LEU A 238 -10.74 -16.65 -0.83
CA LEU A 238 -11.78 -15.68 -1.17
C LEU A 238 -12.63 -15.35 0.04
N GLU A 239 -13.11 -16.37 0.76
CA GLU A 239 -13.88 -16.10 1.96
C GLU A 239 -13.03 -15.35 2.97
N ALA A 240 -11.75 -15.71 3.12
CA ALA A 240 -10.91 -14.98 4.06
C ALA A 240 -10.82 -13.52 3.67
N ALA A 241 -10.61 -13.24 2.38
CA ALA A 241 -10.53 -11.86 1.95
C ALA A 241 -11.82 -11.12 2.25
N GLU A 242 -12.97 -11.78 2.02
CA GLU A 242 -14.25 -11.14 2.32
C GLU A 242 -14.39 -10.84 3.80
N MET A 243 -13.92 -11.73 4.67
N MET A 243 -13.95 -11.76 4.67
CA MET A 243 -14.01 -11.45 6.10
CA MET A 243 -13.98 -11.48 6.10
C MET A 243 -13.17 -10.25 6.48
C MET A 243 -13.18 -10.22 6.42
N TYR A 244 -11.95 -10.16 5.92
CA TYR A 244 -11.10 -8.99 6.19
C TYR A 244 -11.69 -7.73 5.58
N ARG A 245 -12.23 -7.81 4.37
CA ARG A 245 -12.84 -6.64 3.75
C ARG A 245 -13.99 -6.13 4.61
N LYS A 246 -14.88 -7.02 5.01
CA LYS A 246 -16.04 -6.59 5.79
C LYS A 246 -15.61 -5.98 7.11
N ALA A 247 -14.60 -6.56 7.73
CA ALA A 247 -14.11 -6.04 9.00
C ALA A 247 -13.57 -4.62 8.82
N ALA A 248 -12.68 -4.44 7.83
CA ALA A 248 -12.07 -3.13 7.63
C ALA A 248 -13.09 -2.09 7.18
N TRP A 249 -14.05 -2.51 6.36
CA TRP A 249 -15.01 -1.55 5.83
C TRP A 249 -15.94 -1.08 6.93
N GLU A 250 -16.45 -2.00 7.75
N GLU A 250 -16.41 -1.99 7.77
CA GLU A 250 -17.34 -1.59 8.84
CA GLU A 250 -17.35 -1.59 8.81
C GLU A 250 -16.60 -0.70 9.83
C GLU A 250 -16.65 -0.82 9.93
N ALA A 251 -15.35 -1.04 10.13
CA ALA A 251 -14.60 -0.24 11.07
C ALA A 251 -14.46 1.19 10.55
N TYR A 252 -14.24 1.34 9.24
CA TYR A 252 -14.20 2.66 8.63
C TYR A 252 -15.56 3.36 8.74
N LEU A 253 -16.63 2.67 8.40
CA LEU A 253 -17.95 3.29 8.46
C LEU A 253 -18.27 3.76 9.86
N SER A 254 -17.92 2.95 10.86
N SER A 254 -17.96 2.92 10.85
CA SER A 254 -18.33 3.27 12.23
CA SER A 254 -18.27 3.24 12.23
C SER A 254 -17.50 4.43 12.79
C SER A 254 -17.57 4.52 12.63
N ARG A 255 -16.28 4.60 12.32
CA ARG A 255 -15.49 5.75 12.71
C ARG A 255 -16.02 7.00 12.02
N LEU A 256 -16.47 6.85 10.77
CA LEU A 256 -16.99 7.97 10.02
C LEU A 256 -18.29 8.47 10.64
N GLY A 257 -19.11 7.58 11.15
CA GLY A 257 -20.35 7.98 11.82
C GLY A 257 -21.31 8.69 10.89
#